data_3IP8
#
_entry.id   3IP8
#
_cell.length_a   38.640
_cell.length_b   65.600
_cell.length_c   41.880
_cell.angle_alpha   90.00
_cell.angle_beta   110.42
_cell.angle_gamma   90.00
#
_symmetry.space_group_name_H-M   'P 1 21 1'
#
loop_
_entity.id
_entity.type
_entity.pdbx_description
1 polymer 'Arylmalonate decarboxylase'
2 non-polymer 'benzylphosphonic acid'
3 water water
#
_entity_poly.entity_id   1
_entity_poly.type   'polypeptide(L)'
_entity_poly.pdbx_seq_one_letter_code
;MQQASTPTIGMIVPPAAGLVPADGARLYPDLPFIASGLGLGSVTPEGYDAVIESVVDHARRLQKQGAAVVSLMGTSLSFY
RGAAFNAALTVAMREATGLPCTTMSTAVLNGLRALGVRRVALATAYIDDVNERLAAFLAEESLVPTGCRSLGITGVEAMA
RVDTATLVDLCVRAFEAAPDSDGILLSCGGLLTLDAIPEVERRLGVPVVSSSPAGFWDAVRLAGGGAKARPGYGRLFDES
LEHHHHHH
;
_entity_poly.pdbx_strand_id   A
#
loop_
_chem_comp.id
_chem_comp.type
_chem_comp.name
_chem_comp.formula
B85 non-polymer 'benzylphosphonic acid' 'C7 H9 O3 P'
#
# COMPACT_ATOMS: atom_id res chain seq x y z
N PRO A 7 -5.77 -16.79 11.14
CA PRO A 7 -6.70 -16.86 10.01
C PRO A 7 -5.99 -16.57 8.70
N THR A 8 -6.27 -17.35 7.67
CA THR A 8 -5.64 -17.15 6.37
C THR A 8 -6.04 -15.82 5.76
N ILE A 9 -5.04 -15.05 5.34
CA ILE A 9 -5.29 -13.73 4.77
C ILE A 9 -5.12 -13.77 3.26
N GLY A 10 -6.16 -13.35 2.54
CA GLY A 10 -6.13 -13.32 1.09
C GLY A 10 -5.81 -11.93 0.58
N MET A 11 -5.01 -11.88 -0.48
CA MET A 11 -4.58 -10.61 -1.06
C MET A 11 -4.79 -10.60 -2.56
N ILE A 12 -5.52 -9.59 -3.03
CA ILE A 12 -5.65 -9.35 -4.46
C ILE A 12 -4.47 -8.45 -4.84
N VAL A 13 -3.63 -8.91 -5.76
CA VAL A 13 -2.42 -8.17 -6.11
C VAL A 13 -2.46 -7.74 -7.56
N PRO A 14 -1.89 -6.58 -7.90
CA PRO A 14 -1.90 -6.14 -9.29
C PRO A 14 -1.26 -7.07 -10.34
N PRO A 15 -0.06 -7.64 -10.08
CA PRO A 15 0.58 -8.40 -11.18
C PRO A 15 -0.11 -9.70 -11.54
N ALA A 16 -0.02 -10.06 -12.82
CA ALA A 16 -0.64 -11.28 -13.34
C ALA A 16 -0.21 -12.51 -12.58
N ALA A 17 1.05 -12.54 -12.15
CA ALA A 17 1.58 -13.77 -11.57
C ALA A 17 0.85 -14.14 -10.29
N GLY A 18 0.25 -13.16 -9.62
CA GLY A 18 -0.52 -13.44 -8.43
C GLY A 18 0.27 -13.96 -7.23
N LEU A 19 1.48 -13.44 -7.02
CA LEU A 19 2.27 -13.88 -5.87
C LEU A 19 1.88 -13.13 -4.58
N VAL A 20 2.04 -13.76 -3.44
CA VAL A 20 1.98 -13.01 -2.18
C VAL A 20 3.15 -12.03 -2.20
N PRO A 21 2.90 -10.75 -1.89
CA PRO A 21 4.00 -9.81 -1.91
C PRO A 21 5.11 -10.26 -0.94
N ALA A 22 6.34 -10.00 -1.32
CA ALA A 22 7.51 -10.58 -0.66
C ALA A 22 7.66 -10.16 0.81
N ASP A 23 7.09 -9.02 1.20
CA ASP A 23 7.29 -8.54 2.56
C ASP A 23 6.63 -9.44 3.61
N GLY A 24 5.59 -10.17 3.23
CA GLY A 24 4.88 -10.98 4.20
C GLY A 24 5.79 -11.96 4.93
N ALA A 25 6.66 -12.63 4.19
CA ALA A 25 7.52 -13.66 4.79
C ALA A 25 8.56 -13.05 5.73
N ARG A 26 8.87 -11.77 5.54
CA ARG A 26 9.85 -11.06 6.38
C ARG A 26 9.18 -10.45 7.62
N LEU A 27 8.04 -9.81 7.41
CA LEU A 27 7.32 -9.21 8.53
C LEU A 27 6.68 -10.24 9.42
N TYR A 28 6.04 -11.23 8.80
CA TYR A 28 5.15 -12.17 9.50
C TYR A 28 5.44 -13.59 9.01
N PRO A 29 6.64 -14.10 9.29
CA PRO A 29 7.03 -15.40 8.73
C PRO A 29 6.09 -16.54 9.12
N ASP A 30 5.43 -16.42 10.26
CA ASP A 30 4.59 -17.51 10.75
C ASP A 30 3.14 -17.48 10.26
N LEU A 31 2.77 -16.47 9.47
CA LEU A 31 1.37 -16.30 9.09
C LEU A 31 1.06 -16.79 7.69
N PRO A 32 -0.14 -17.36 7.50
CA PRO A 32 -0.54 -17.84 6.17
C PRO A 32 -1.17 -16.77 5.29
N PHE A 33 -0.63 -16.59 4.08
CA PHE A 33 -1.20 -15.66 3.10
C PHE A 33 -1.41 -16.41 1.79
N ILE A 34 -2.46 -16.01 1.06
CA ILE A 34 -2.65 -16.48 -0.30
C ILE A 34 -2.98 -15.27 -1.17
N ALA A 35 -2.79 -15.39 -2.49
CA ALA A 35 -2.96 -14.24 -3.38
C ALA A 35 -3.59 -14.61 -4.71
N SER A 36 -4.17 -13.61 -5.37
CA SER A 36 -4.80 -13.74 -6.68
C SER A 36 -4.43 -12.50 -7.50
N GLY A 37 -3.97 -12.69 -8.73
CA GLY A 37 -3.40 -11.62 -9.54
C GLY A 37 -4.39 -11.00 -10.51
N LEU A 38 -4.44 -9.68 -10.57
CA LEU A 38 -5.36 -8.99 -11.47
C LEU A 38 -4.90 -8.92 -12.93
N GLY A 39 -3.59 -8.92 -13.14
CA GLY A 39 -3.07 -8.71 -14.46
C GLY A 39 -3.04 -7.25 -14.90
N LEU A 40 -2.81 -6.35 -13.96
CA LEU A 40 -2.69 -4.93 -14.30
C LEU A 40 -1.59 -4.75 -15.35
N GLY A 41 -1.89 -3.97 -16.37
CA GLY A 41 -0.98 -3.75 -17.48
C GLY A 41 -0.08 -2.52 -17.37
N SER A 42 -0.50 -1.53 -16.60
CA SER A 42 0.29 -0.32 -16.38
C SER A 42 -0.24 0.40 -15.14
N VAL A 43 0.65 1.14 -14.49
CA VAL A 43 0.31 1.89 -13.29
C VAL A 43 -0.15 3.26 -13.76
N THR A 44 -1.31 3.26 -14.41
CA THR A 44 -1.94 4.46 -14.94
C THR A 44 -3.45 4.28 -14.82
N PRO A 45 -4.23 5.40 -14.84
CA PRO A 45 -5.69 5.30 -14.78
C PRO A 45 -6.28 4.40 -15.87
N GLU A 46 -5.75 4.47 -17.09
CA GLU A 46 -6.23 3.59 -18.15
C GLU A 46 -5.97 2.13 -17.79
N GLY A 47 -4.81 1.88 -17.19
CA GLY A 47 -4.50 0.55 -16.71
C GLY A 47 -5.48 0.07 -15.65
N TYR A 48 -5.75 0.91 -14.67
CA TYR A 48 -6.65 0.48 -13.60
C TYR A 48 -8.05 0.15 -14.14
N ASP A 49 -8.54 0.97 -15.08
CA ASP A 49 -9.88 0.79 -15.59
C ASP A 49 -10.04 -0.59 -16.21
N ALA A 50 -8.94 -1.16 -16.72
CA ALA A 50 -9.03 -2.46 -17.43
C ALA A 50 -9.17 -3.63 -16.47
N VAL A 51 -8.82 -3.44 -15.20
CA VAL A 51 -8.94 -4.53 -14.23
C VAL A 51 -9.83 -4.26 -13.02
N ILE A 52 -10.20 -3.00 -12.79
CA ILE A 52 -10.87 -2.65 -11.54
C ILE A 52 -12.20 -3.42 -11.36
N GLU A 53 -12.89 -3.73 -12.44
CA GLU A 53 -14.20 -4.39 -12.31
C GLU A 53 -14.12 -5.85 -11.92
N SER A 54 -12.90 -6.40 -11.94
CA SER A 54 -12.69 -7.78 -11.60
C SER A 54 -12.28 -7.96 -10.14
N VAL A 55 -12.14 -6.86 -9.42
CA VAL A 55 -11.77 -6.96 -8.00
C VAL A 55 -12.76 -7.81 -7.19
N VAL A 56 -14.06 -7.62 -7.40
CA VAL A 56 -15.03 -8.41 -6.66
C VAL A 56 -14.88 -9.91 -6.95
N ASP A 57 -14.70 -10.27 -8.22
CA ASP A 57 -14.49 -11.67 -8.59
C ASP A 57 -13.25 -12.24 -7.93
N HIS A 58 -12.18 -11.45 -7.83
CA HIS A 58 -10.97 -11.97 -7.21
C HIS A 58 -11.13 -12.14 -5.70
N ALA A 59 -11.92 -11.27 -5.08
CA ALA A 59 -12.23 -11.43 -3.66
C ALA A 59 -12.95 -12.75 -3.46
N ARG A 60 -13.92 -13.04 -4.33
CA ARG A 60 -14.60 -14.33 -4.28
C ARG A 60 -13.68 -15.52 -4.53
N ARG A 61 -12.74 -15.40 -5.46
CA ARG A 61 -11.78 -16.47 -5.71
C ARG A 61 -11.01 -16.78 -4.43
N LEU A 62 -10.61 -15.72 -3.73
CA LEU A 62 -9.81 -15.90 -2.52
C LEU A 62 -10.68 -16.53 -1.45
N GLN A 63 -11.93 -16.10 -1.34
CA GLN A 63 -12.84 -16.70 -0.37
C GLN A 63 -12.99 -18.20 -0.67
N LYS A 64 -13.08 -18.55 -1.95
CA LYS A 64 -13.26 -19.96 -2.32
C LYS A 64 -12.01 -20.80 -2.05
N GLN A 65 -10.86 -20.14 -1.90
CA GLN A 65 -9.60 -20.82 -1.57
C GLN A 65 -9.34 -20.87 -0.07
N GLY A 66 -10.27 -20.32 0.71
CA GLY A 66 -10.19 -20.38 2.16
C GLY A 66 -9.71 -19.14 2.88
N ALA A 67 -9.70 -18.00 2.21
CA ALA A 67 -9.33 -16.76 2.85
C ALA A 67 -10.36 -16.39 3.91
N ALA A 68 -9.90 -15.88 5.05
CA ALA A 68 -10.82 -15.42 6.10
C ALA A 68 -10.97 -13.89 6.10
N VAL A 69 -10.05 -13.20 5.45
CA VAL A 69 -10.16 -11.76 5.19
C VAL A 69 -9.53 -11.52 3.83
N VAL A 70 -9.87 -10.42 3.21
CA VAL A 70 -9.29 -10.08 1.91
C VAL A 70 -8.84 -8.63 1.88
N SER A 71 -7.62 -8.39 1.41
CA SER A 71 -7.16 -7.05 1.16
C SER A 71 -6.88 -6.87 -0.32
N LEU A 72 -7.37 -5.76 -0.88
CA LEU A 72 -6.95 -5.34 -2.22
C LEU A 72 -5.63 -4.61 -2.09
N MET A 73 -4.55 -5.32 -2.41
CA MET A 73 -3.19 -4.83 -2.17
C MET A 73 -2.69 -4.00 -3.35
N GLY A 74 -3.44 -2.96 -3.65
CA GLY A 74 -3.03 -1.98 -4.65
C GLY A 74 -3.40 -0.61 -4.13
N THR A 75 -2.43 0.30 -4.05
CA THR A 75 -2.67 1.66 -3.55
C THR A 75 -3.41 2.50 -4.61
N SER A 76 -2.77 2.72 -5.76
CA SER A 76 -3.38 3.56 -6.76
C SER A 76 -4.64 2.95 -7.33
N LEU A 77 -4.72 1.62 -7.44
CA LEU A 77 -5.98 0.98 -7.85
C LEU A 77 -7.14 1.36 -6.96
N SER A 78 -6.85 1.58 -5.69
CA SER A 78 -7.90 1.92 -4.74
C SER A 78 -8.08 3.40 -4.48
N PHE A 79 -7.09 4.24 -4.79
CA PHE A 79 -7.25 5.69 -4.56
C PHE A 79 -7.56 6.55 -5.80
N TYR A 80 -7.43 5.97 -6.99
CA TYR A 80 -7.39 6.81 -8.16
C TYR A 80 -8.68 7.53 -8.48
N ARG A 81 -9.79 7.05 -7.91
CA ARG A 81 -11.12 7.66 -8.15
C ARG A 81 -11.59 8.47 -6.96
N GLY A 82 -10.74 8.56 -5.93
CA GLY A 82 -11.10 9.31 -4.74
C GLY A 82 -11.53 8.47 -3.56
N ALA A 83 -11.73 9.14 -2.44
CA ALA A 83 -12.03 8.46 -1.17
C ALA A 83 -13.34 7.68 -1.15
N ALA A 84 -14.39 8.22 -1.74
CA ALA A 84 -15.65 7.51 -1.72
C ALA A 84 -15.52 6.17 -2.45
N PHE A 85 -14.79 6.14 -3.57
CA PHE A 85 -14.72 4.89 -4.30
C PHE A 85 -13.91 3.84 -3.53
N ASN A 86 -12.88 4.28 -2.82
CA ASN A 86 -12.14 3.35 -1.98
C ASN A 86 -13.08 2.70 -0.97
N ALA A 87 -13.93 3.51 -0.35
CA ALA A 87 -14.88 2.96 0.62
C ALA A 87 -15.93 2.05 -0.04
N ALA A 88 -16.42 2.46 -1.21
CA ALA A 88 -17.46 1.71 -1.93
C ALA A 88 -16.97 0.35 -2.43
N LEU A 89 -15.74 0.33 -2.92
CA LEU A 89 -15.15 -0.91 -3.39
C LEU A 89 -14.96 -1.87 -2.22
N THR A 90 -14.59 -1.34 -1.06
CA THR A 90 -14.49 -2.16 0.14
C THR A 90 -15.86 -2.76 0.51
N VAL A 91 -16.89 -1.92 0.54
CA VAL A 91 -18.24 -2.42 0.81
C VAL A 91 -18.65 -3.52 -0.19
N ALA A 92 -18.32 -3.33 -1.47
CA ALA A 92 -18.67 -4.31 -2.50
C ALA A 92 -17.99 -5.66 -2.27
N MET A 93 -16.77 -5.61 -1.87
CA MET A 93 -16.03 -6.83 -1.61
C MET A 93 -16.66 -7.61 -0.40
N ARG A 94 -16.93 -6.82 0.64
CA ARG A 94 -17.53 -7.39 1.85
C ARG A 94 -18.90 -8.00 1.52
N GLU A 95 -19.70 -7.31 0.72
CA GLU A 95 -21.03 -7.78 0.39
C GLU A 95 -20.98 -9.05 -0.45
N ALA A 96 -19.98 -9.14 -1.32
CA ALA A 96 -19.86 -10.29 -2.21
C ALA A 96 -19.32 -11.53 -1.51
N THR A 97 -18.57 -11.35 -0.43
CA THR A 97 -17.87 -12.47 0.21
C THR A 97 -18.36 -12.81 1.62
N GLY A 98 -18.94 -11.83 2.31
CA GLY A 98 -19.25 -11.98 3.72
C GLY A 98 -18.00 -12.01 4.58
N LEU A 99 -16.87 -11.59 4.02
CA LEU A 99 -15.59 -11.53 4.75
C LEU A 99 -15.26 -10.08 5.12
N PRO A 100 -14.51 -9.89 6.22
CA PRO A 100 -13.90 -8.57 6.43
C PRO A 100 -12.94 -8.27 5.27
N CYS A 101 -13.08 -7.09 4.67
CA CYS A 101 -12.23 -6.68 3.55
C CYS A 101 -11.63 -5.30 3.78
N THR A 102 -10.54 -5.02 3.06
CA THR A 102 -9.82 -3.76 3.22
C THR A 102 -9.07 -3.49 1.91
N THR A 103 -8.40 -2.35 1.82
CA THR A 103 -7.58 -2.00 0.66
C THR A 103 -6.26 -1.43 1.14
N MET A 104 -5.30 -1.38 0.23
CA MET A 104 -4.00 -0.79 0.54
C MET A 104 -4.09 0.74 0.76
N SER A 105 -5.05 1.41 0.13
CA SER A 105 -5.21 2.84 0.39
C SER A 105 -5.71 3.04 1.81
N THR A 106 -6.63 2.19 2.25
CA THR A 106 -7.08 2.20 3.64
C THR A 106 -5.92 1.88 4.58
N ALA A 107 -5.06 0.96 4.18
CA ALA A 107 -3.93 0.57 5.01
C ALA A 107 -3.00 1.75 5.24
N VAL A 108 -2.68 2.48 4.17
CA VAL A 108 -1.73 3.57 4.36
C VAL A 108 -2.40 4.73 5.12
N LEU A 109 -3.68 4.97 4.88
CA LEU A 109 -4.40 5.96 5.67
C LEU A 109 -4.39 5.59 7.14
N ASN A 110 -4.64 4.32 7.44
CA ASN A 110 -4.63 3.87 8.83
C ASN A 110 -3.25 3.96 9.47
N GLY A 111 -2.20 3.67 8.68
CA GLY A 111 -0.83 3.72 9.18
C GLY A 111 -0.40 5.16 9.49
N LEU A 112 -0.75 6.08 8.60
CA LEU A 112 -0.40 7.48 8.82
C LEU A 112 -1.15 7.99 10.04
N ARG A 113 -2.42 7.67 10.16
CA ARG A 113 -3.23 8.04 11.33
C ARG A 113 -2.68 7.47 12.62
N ALA A 114 -2.33 6.18 12.61
CA ALA A 114 -1.78 5.53 13.79
C ALA A 114 -0.50 6.20 14.29
N LEU A 115 0.29 6.73 13.36
CA LEU A 115 1.56 7.38 13.70
C LEU A 115 1.40 8.88 13.97
N GLY A 116 0.16 9.36 13.86
CA GLY A 116 -0.13 10.76 14.14
C GLY A 116 0.36 11.70 13.06
N VAL A 117 0.55 11.18 11.84
CA VAL A 117 1.07 11.99 10.74
C VAL A 117 -0.06 12.80 10.09
N ARG A 118 0.03 14.11 10.14
CA ARG A 118 -0.95 14.96 9.48
C ARG A 118 -0.37 15.60 8.21
N ARG A 119 0.80 16.21 8.35
CA ARG A 119 1.51 16.77 7.19
C ARG A 119 2.41 15.66 6.66
N VAL A 120 2.16 15.26 5.41
CA VAL A 120 2.79 14.05 4.87
C VAL A 120 3.53 14.36 3.55
N ALA A 121 4.83 14.02 3.51
CA ALA A 121 5.63 14.18 2.30
C ALA A 121 5.41 12.94 1.45
N LEU A 122 5.28 13.13 0.15
CA LEU A 122 4.99 11.99 -0.75
C LEU A 122 6.24 11.58 -1.50
N ALA A 123 6.54 10.28 -1.42
CA ALA A 123 7.67 9.69 -2.15
C ALA A 123 7.04 8.54 -2.91
N THR A 124 6.97 8.63 -4.23
CA THR A 124 6.20 7.62 -4.95
C THR A 124 6.91 7.08 -6.18
N ALA A 125 6.39 5.97 -6.69
CA ALA A 125 6.94 5.43 -7.92
C ALA A 125 6.28 5.98 -9.16
N TYR A 126 5.34 6.93 -9.01
CA TYR A 126 4.33 7.16 -10.07
C TYR A 126 4.59 8.32 -10.98
N ILE A 127 3.82 8.36 -12.07
CA ILE A 127 3.76 9.54 -12.92
C ILE A 127 2.85 10.58 -12.27
N ASP A 128 2.92 11.81 -12.74
CA ASP A 128 2.25 12.88 -12.00
C ASP A 128 0.72 12.83 -12.00
N ASP A 129 0.09 12.29 -13.04
CA ASP A 129 -1.37 12.19 -12.98
C ASP A 129 -1.77 11.38 -11.75
N VAL A 130 -1.03 10.29 -11.51
CA VAL A 130 -1.33 9.42 -10.38
C VAL A 130 -0.97 10.13 -9.07
N ASN A 131 0.14 10.87 -9.04
CA ASN A 131 0.48 11.61 -7.82
C ASN A 131 -0.57 12.64 -7.47
N GLU A 132 -1.14 13.28 -8.48
CA GLU A 132 -2.18 14.27 -8.21
C GLU A 132 -3.39 13.61 -7.57
N ARG A 133 -3.75 12.43 -8.08
CA ARG A 133 -4.84 11.69 -7.50
C ARG A 133 -4.56 11.23 -6.07
N LEU A 134 -3.31 10.83 -5.79
CA LEU A 134 -2.94 10.47 -4.44
C LEU A 134 -3.12 11.68 -3.50
N ALA A 135 -2.61 12.82 -3.91
CA ALA A 135 -2.72 14.00 -3.06
C ALA A 135 -4.18 14.39 -2.79
N ALA A 136 -5.01 14.32 -3.81
CA ALA A 136 -6.44 14.63 -3.68
C ALA A 136 -7.12 13.66 -2.71
N PHE A 137 -6.80 12.37 -2.82
CA PHE A 137 -7.35 11.35 -1.91
C PHE A 137 -6.97 11.66 -0.46
N LEU A 138 -5.67 11.91 -0.22
CA LEU A 138 -5.20 12.22 1.12
C LEU A 138 -5.87 13.48 1.71
N ALA A 139 -6.01 14.51 0.89
CA ALA A 139 -6.70 15.72 1.32
C ALA A 139 -8.16 15.45 1.69
N GLU A 140 -8.84 14.62 0.90
CA GLU A 140 -10.21 14.24 1.25
C GLU A 140 -10.26 13.57 2.59
N GLU A 141 -9.17 12.88 2.95
CA GLU A 141 -9.16 12.11 4.18
C GLU A 141 -8.47 12.89 5.32
N SER A 142 -8.45 14.22 5.19
CA SER A 142 -7.99 15.11 6.26
C SER A 142 -6.49 15.16 6.49
N LEU A 143 -5.71 14.69 5.51
CA LEU A 143 -4.27 14.81 5.59
C LEU A 143 -3.80 15.94 4.70
N VAL A 144 -2.57 16.40 4.94
CA VAL A 144 -2.02 17.53 4.20
C VAL A 144 -0.74 17.14 3.49
N PRO A 145 -0.84 16.88 2.17
CA PRO A 145 0.38 16.55 1.43
C PRO A 145 1.28 17.78 1.32
N THR A 146 2.57 17.60 1.55
CA THR A 146 3.45 18.76 1.69
C THR A 146 4.38 18.96 0.50
N GLY A 147 4.50 17.93 -0.31
CA GLY A 147 5.42 17.98 -1.42
C GLY A 147 5.54 16.56 -1.91
N CYS A 148 6.26 16.39 -3.00
CA CYS A 148 6.25 15.12 -3.67
C CYS A 148 7.48 15.00 -4.51
N ARG A 149 8.12 13.84 -4.40
CA ARG A 149 9.13 13.43 -5.36
C ARG A 149 8.75 12.04 -5.85
N SER A 150 9.01 11.77 -7.10
CA SER A 150 8.54 10.52 -7.69
C SER A 150 9.44 9.97 -8.78
N LEU A 151 9.23 8.68 -9.07
CA LEU A 151 10.06 7.98 -10.06
C LEU A 151 9.50 7.96 -11.47
N GLY A 152 8.20 8.23 -11.62
CA GLY A 152 7.58 8.28 -12.93
C GLY A 152 7.54 6.97 -13.71
N ILE A 153 7.33 5.87 -12.99
CA ILE A 153 7.36 4.53 -13.58
C ILE A 153 5.93 4.07 -13.84
N THR A 154 5.67 3.54 -15.04
CA THR A 154 4.35 2.96 -15.33
C THR A 154 4.36 1.43 -15.40
N GLY A 155 5.54 0.82 -15.39
CA GLY A 155 5.62 -0.64 -15.43
C GLY A 155 5.17 -1.22 -14.11
N VAL A 156 4.44 -2.33 -14.16
CA VAL A 156 3.92 -2.98 -12.97
C VAL A 156 4.99 -3.90 -12.34
N GLU A 157 5.41 -4.91 -13.07
CA GLU A 157 6.43 -5.81 -12.57
C GLU A 157 7.77 -5.09 -12.38
N ALA A 158 8.01 -4.04 -13.18
CA ALA A 158 9.22 -3.23 -13.10
C ALA A 158 9.48 -2.65 -11.70
N MET A 159 8.41 -2.47 -10.93
CA MET A 159 8.54 -1.85 -9.60
C MET A 159 9.47 -2.63 -8.69
N ALA A 160 9.48 -3.96 -8.81
CA ALA A 160 10.24 -4.79 -7.87
C ALA A 160 11.74 -4.61 -8.02
N ARG A 161 12.15 -3.99 -9.13
CA ARG A 161 13.56 -3.88 -9.46
C ARG A 161 14.20 -2.55 -9.03
N VAL A 162 13.39 -1.60 -8.57
CA VAL A 162 13.93 -0.38 -7.99
C VAL A 162 14.75 -0.69 -6.73
N ASP A 163 16.01 -0.26 -6.69
CA ASP A 163 16.86 -0.67 -5.57
C ASP A 163 16.71 0.15 -4.29
N THR A 164 17.29 -0.37 -3.22
CA THR A 164 17.13 0.23 -1.89
C THR A 164 17.71 1.65 -1.85
N ALA A 165 18.88 1.82 -2.44
CA ALA A 165 19.51 3.14 -2.40
C ALA A 165 18.68 4.20 -3.11
N THR A 166 18.06 3.82 -4.22
CA THR A 166 17.14 4.70 -4.94
C THR A 166 15.95 5.08 -4.06
N LEU A 167 15.42 4.12 -3.32
CA LEU A 167 14.26 4.37 -2.47
C LEU A 167 14.58 5.25 -1.27
N VAL A 168 15.72 5.02 -0.66
CA VAL A 168 16.17 5.87 0.44
C VAL A 168 16.35 7.29 -0.07
N ASP A 169 17.04 7.44 -1.21
CA ASP A 169 17.26 8.78 -1.76
C ASP A 169 15.93 9.45 -2.10
N LEU A 170 15.00 8.70 -2.64
CA LEU A 170 13.69 9.28 -2.94
C LEU A 170 12.98 9.84 -1.69
N CYS A 171 12.94 9.06 -0.62
CA CYS A 171 12.31 9.50 0.64
C CYS A 171 13.02 10.71 1.21
N VAL A 172 14.34 10.68 1.20
CA VAL A 172 15.13 11.78 1.71
C VAL A 172 14.85 13.07 0.92
N ARG A 173 14.85 12.98 -0.41
CA ARG A 173 14.52 14.14 -1.24
C ARG A 173 13.11 14.70 -1.02
N ALA A 174 12.14 13.81 -0.87
CA ALA A 174 10.76 14.21 -0.57
C ALA A 174 10.69 14.99 0.76
N PHE A 175 11.37 14.48 1.78
CA PHE A 175 11.35 15.14 3.08
C PHE A 175 12.15 16.45 3.05
N GLU A 176 13.30 16.42 2.39
CA GLU A 176 14.11 17.61 2.18
C GLU A 176 13.26 18.76 1.63
N ALA A 177 12.32 18.46 0.74
CA ALA A 177 11.47 19.49 0.18
C ALA A 177 10.50 20.09 1.18
N ALA A 178 10.19 19.34 2.24
CA ALA A 178 9.25 19.79 3.26
C ALA A 178 9.60 19.20 4.62
N PRO A 179 10.65 19.75 5.26
CA PRO A 179 11.15 19.12 6.48
C PRO A 179 10.28 19.43 7.72
N ASP A 180 9.17 20.13 7.52
CA ASP A 180 8.18 20.29 8.57
C ASP A 180 7.16 19.14 8.54
N SER A 181 7.34 18.21 7.62
CA SER A 181 6.39 17.10 7.52
C SER A 181 6.45 16.21 8.77
N ASP A 182 5.33 15.58 9.11
CA ASP A 182 5.27 14.67 10.25
C ASP A 182 5.76 13.28 9.89
N GLY A 183 5.73 12.96 8.61
CA GLY A 183 6.09 11.63 8.16
C GLY A 183 6.14 11.59 6.65
N ILE A 184 6.43 10.42 6.12
CA ILE A 184 6.59 10.23 4.69
C ILE A 184 5.73 9.06 4.25
N LEU A 185 4.94 9.24 3.19
CA LEU A 185 4.23 8.13 2.54
C LEU A 185 5.05 7.67 1.35
N LEU A 186 5.57 6.44 1.41
CA LEU A 186 6.31 5.84 0.30
C LEU A 186 5.32 4.95 -0.44
N SER A 187 4.79 5.45 -1.55
CA SER A 187 3.66 4.80 -2.19
C SER A 187 4.08 4.05 -3.42
N CYS A 188 3.65 2.79 -3.43
CA CYS A 188 3.67 1.80 -4.51
C CYS A 188 3.97 0.43 -3.92
N GLY A 189 2.96 -0.41 -3.98
CA GLY A 189 3.02 -1.71 -3.35
C GLY A 189 3.86 -2.70 -4.11
N GLY A 190 4.42 -2.30 -5.25
CA GLY A 190 5.32 -3.17 -5.99
C GLY A 190 6.77 -2.97 -5.60
N LEU A 191 7.03 -1.90 -4.84
CA LEU A 191 8.40 -1.62 -4.42
C LEU A 191 8.81 -2.53 -3.27
N LEU A 192 10.10 -2.85 -3.19
CA LEU A 192 10.67 -3.62 -2.10
C LEU A 192 11.36 -2.64 -1.17
N THR A 193 10.64 -2.26 -0.12
CA THR A 193 11.01 -1.10 0.71
C THR A 193 11.54 -1.42 2.10
N LEU A 194 11.62 -2.70 2.47
CA LEU A 194 11.85 -3.03 3.87
C LEU A 194 13.25 -2.65 4.36
N ASP A 195 14.24 -2.63 3.47
CA ASP A 195 15.58 -2.20 3.88
C ASP A 195 15.71 -0.68 3.86
N ALA A 196 14.91 -0.01 3.04
CA ALA A 196 14.94 1.45 2.95
C ALA A 196 14.33 2.08 4.20
N ILE A 197 13.21 1.54 4.68
CA ILE A 197 12.48 2.14 5.79
C ILE A 197 13.32 2.48 7.03
N PRO A 198 14.00 1.48 7.61
CA PRO A 198 14.78 1.82 8.83
C PRO A 198 15.89 2.84 8.56
N GLU A 199 16.49 2.83 7.38
CA GLU A 199 17.54 3.78 7.06
C GLU A 199 16.99 5.19 6.98
N VAL A 200 15.84 5.35 6.33
CA VAL A 200 15.21 6.65 6.22
C VAL A 200 14.80 7.17 7.59
N GLU A 201 14.19 6.33 8.40
CA GLU A 201 13.74 6.73 9.72
C GLU A 201 14.93 7.06 10.62
N ARG A 202 16.02 6.31 10.49
CA ARG A 202 17.25 6.62 11.25
C ARG A 202 17.78 8.01 10.88
N ARG A 203 17.96 8.24 9.58
CA ARG A 203 18.54 9.49 9.12
C ARG A 203 17.67 10.71 9.42
N LEU A 204 16.37 10.59 9.19
CA LEU A 204 15.49 11.75 9.26
C LEU A 204 14.76 11.98 10.58
N GLY A 205 14.53 10.91 11.35
CA GLY A 205 13.81 11.06 12.61
C GLY A 205 12.29 11.16 12.51
N VAL A 206 11.75 10.84 11.34
CA VAL A 206 10.29 10.80 11.16
C VAL A 206 9.91 9.43 10.59
N PRO A 207 8.66 9.00 10.79
CA PRO A 207 8.27 7.66 10.31
C PRO A 207 7.95 7.64 8.82
N VAL A 208 8.10 6.46 8.24
CA VAL A 208 7.72 6.18 6.88
C VAL A 208 6.54 5.20 6.89
N VAL A 209 5.48 5.53 6.15
CA VAL A 209 4.42 4.56 5.89
C VAL A 209 4.58 4.13 4.45
N SER A 210 4.82 2.85 4.24
CA SER A 210 5.08 2.29 2.92
C SER A 210 3.96 1.35 2.49
N SER A 211 3.51 1.47 1.24
CA SER A 211 2.35 0.71 0.73
C SER A 211 2.29 -0.77 1.13
N SER A 212 3.32 -1.55 0.78
CA SER A 212 3.23 -2.99 1.00
C SER A 212 3.27 -3.34 2.48
N PRO A 213 4.29 -2.85 3.21
CA PRO A 213 4.28 -3.15 4.64
C PRO A 213 3.02 -2.67 5.38
N ALA A 214 2.52 -1.47 5.06
CA ALA A 214 1.26 -1.04 5.68
C ALA A 214 0.11 -1.96 5.28
N GLY A 215 0.10 -2.44 4.04
CA GLY A 215 -0.90 -3.42 3.62
C GLY A 215 -0.91 -4.67 4.49
N PHE A 216 0.28 -5.19 4.80
CA PHE A 216 0.38 -6.35 5.70
C PHE A 216 -0.08 -6.01 7.10
N TRP A 217 0.42 -4.91 7.65
CA TRP A 217 0.08 -4.47 8.99
C TRP A 217 -1.43 -4.34 9.15
N ASP A 218 -2.07 -3.70 8.18
CA ASP A 218 -3.52 -3.47 8.19
C ASP A 218 -4.30 -4.79 8.06
N ALA A 219 -3.86 -5.65 7.15
CA ALA A 219 -4.55 -6.93 6.94
C ALA A 219 -4.46 -7.82 8.16
N VAL A 220 -3.30 -7.82 8.81
CA VAL A 220 -3.11 -8.61 10.02
C VAL A 220 -3.94 -8.05 11.17
N ARG A 221 -4.05 -6.73 11.26
CA ARG A 221 -4.96 -6.11 12.22
C ARG A 221 -6.39 -6.56 11.96
N LEU A 222 -6.80 -6.53 10.70
CA LEU A 222 -8.16 -6.89 10.32
C LEU A 222 -8.49 -8.34 10.68
N ALA A 223 -7.50 -9.22 10.57
CA ALA A 223 -7.69 -10.64 10.83
C ALA A 223 -7.82 -10.93 12.32
N GLY A 224 -7.30 -10.03 13.14
CA GLY A 224 -7.59 -9.99 14.57
C GLY A 224 -6.73 -10.76 15.56
N GLY A 225 -5.71 -11.48 15.09
CA GLY A 225 -4.95 -12.33 15.99
C GLY A 225 -3.94 -11.65 16.93
N GLY A 226 -3.65 -10.38 16.71
CA GLY A 226 -2.68 -9.67 17.50
C GLY A 226 -1.22 -10.04 17.23
N ALA A 227 -0.95 -10.64 16.07
CA ALA A 227 0.41 -11.01 15.68
C ALA A 227 1.35 -9.80 15.64
N LYS A 228 2.58 -10.00 16.06
CA LYS A 228 3.58 -8.94 16.08
C LYS A 228 4.60 -9.16 14.97
N ALA A 229 4.99 -8.09 14.30
CA ALA A 229 5.98 -8.22 13.24
C ALA A 229 7.39 -8.38 13.81
N ARG A 230 8.24 -9.01 13.02
CA ARG A 230 9.68 -9.09 13.30
C ARG A 230 10.22 -7.66 13.35
N PRO A 231 11.35 -7.45 14.04
CA PRO A 231 11.94 -6.13 14.26
C PRO A 231 12.71 -5.58 13.06
N GLY A 232 12.82 -4.24 12.99
CA GLY A 232 13.69 -3.61 12.02
C GLY A 232 12.97 -3.04 10.80
N TYR A 233 11.65 -3.01 10.83
CA TYR A 233 10.89 -2.64 9.64
C TYR A 233 10.10 -1.36 9.77
N GLY A 234 10.46 -0.54 10.76
CA GLY A 234 9.82 0.76 10.85
C GLY A 234 8.94 0.98 12.06
N ARG A 235 8.78 2.25 12.41
CA ARG A 235 8.00 2.64 13.57
C ARG A 235 6.55 2.17 13.51
N LEU A 236 6.00 1.99 12.31
CA LEU A 236 4.63 1.49 12.18
C LEU A 236 4.45 0.17 12.95
N PHE A 237 5.49 -0.66 12.98
CA PHE A 237 5.42 -2.00 13.59
C PHE A 237 5.79 -2.00 15.07
N ASP A 238 5.85 -0.79 15.63
CA ASP A 238 6.13 -0.53 17.04
C ASP A 238 7.64 -0.47 17.28
C1 B85 B . 2.54 -1.99 -8.66
C2 B85 B . 3.01 -3.34 -8.70
C3 B85 B . 2.59 -4.24 -7.76
C4 B85 B . 1.66 -3.85 -6.69
C5 B85 B . 1.20 -2.54 -6.63
C6 B85 B . 1.65 -1.61 -7.61
C7 B85 B . 1.30 -0.13 -7.59
P8 B85 B . 0.09 0.48 -6.36
O9 B85 B . 0.58 0.26 -4.86
O10 B85 B . -0.26 2.04 -6.62
O11 B85 B . -1.17 -0.28 -6.58
#